data_6MHE
#
_entry.id   6MHE
#
_cell.length_a   83.240
_cell.length_b   83.240
_cell.length_c   133.830
_cell.angle_alpha   90.000
_cell.angle_beta   90.000
_cell.angle_gamma   90.000
#
_symmetry.space_group_name_H-M   'P 43 21 2'
#
loop_
_entity.id
_entity.type
_entity.pdbx_description
1 polymer 'Guanine nucleotide-binding protein G(k) subunit alpha'
2 polymer 'KB752 peptide'
3 non-polymer GLYCEROL
4 non-polymer "GUANOSINE-5'-DIPHOSPHATE"
5 water water
#
loop_
_entity_poly.entity_id
_entity_poly.type
_entity_poly.pdbx_seq_one_letter_code
_entity_poly.pdbx_strand_id
1 'polypeptide(L)'
;MGSSHHHHHHSSGLVPRGSHMDGEKAAKEVKLLLLGAGESGKSTIVKQMKIIHEDGYSEDECKQYKVVVYSNTIQSIIAI
IRAMGRLKIDFGEAARADDARQLFVLAGSAEEGVMTSELAGVIKRLWRDGGVQACFSRSREYQLNDSASYYLNDLDRISQ
TNYIPTQQDVLRTRVKTTGIVETHFTFKELYFKMFDVGGQRSERKKWIHCFEGVTAIIFCVALSDYDLVLAEDEEMNRMH
ESMKLFDSICNNKWFTDTSIILFLNKKDLFEEKIKRSPLTICYPEYTGSNTYEEAAAYIQCQFEDLNRRKDTKEVYTHFT
CATDTKNVQFVFDAVTDVIIKNNLKECGLY
;
A
2 'polypeptide(L)' SRVTWYDFLMEDTKSR C
#
# COMPACT_ATOMS: atom_id res chain seq x y z
N LEU A 14 -57.36 4.10 10.47
CA LEU A 14 -56.07 4.76 10.40
C LEU A 14 -55.16 4.27 11.52
N VAL A 15 -54.01 3.73 11.15
CA VAL A 15 -53.05 3.17 12.11
C VAL A 15 -51.92 4.19 12.29
N PRO A 16 -51.78 4.81 13.45
CA PRO A 16 -50.65 5.73 13.65
C PRO A 16 -49.32 5.04 13.40
N ARG A 17 -48.41 5.75 12.75
CA ARG A 17 -47.11 5.20 12.40
C ARG A 17 -46.22 5.15 13.62
N GLY A 18 -45.37 4.13 13.68
CA GLY A 18 -44.44 3.98 14.77
C GLY A 18 -43.24 4.89 14.64
N SER A 19 -42.33 4.76 15.60
CA SER A 19 -41.10 5.55 15.58
C SER A 19 -40.33 5.29 14.29
N HIS A 20 -39.55 6.29 13.88
CA HIS A 20 -38.72 6.14 12.69
C HIS A 20 -37.70 5.03 12.88
N MET A 21 -37.06 4.97 14.05
CA MET A 21 -36.07 3.92 14.30
C MET A 21 -36.71 2.54 14.24
N ASP A 22 -37.93 2.41 14.76
CA ASP A 22 -38.69 1.16 14.70
C ASP A 22 -38.00 0.07 15.54
N GLY A 23 -37.64 0.44 16.77
CA GLY A 23 -37.06 -0.52 17.70
C GLY A 23 -35.59 -0.82 17.48
N GLU A 24 -34.93 -0.14 16.54
CA GLU A 24 -33.52 -0.37 16.26
C GLU A 24 -32.66 0.61 17.03
N LYS A 25 -31.58 0.10 17.63
CA LYS A 25 -30.63 0.94 18.32
C LYS A 25 -29.67 1.58 17.32
N ALA A 26 -29.09 2.71 17.72
CA ALA A 26 -28.09 3.38 16.89
C ALA A 26 -26.81 2.56 16.86
N ALA A 27 -26.22 2.45 15.67
CA ALA A 27 -25.00 1.67 15.50
C ALA A 27 -23.82 2.39 16.16
N LYS A 28 -22.97 1.62 16.81
CA LYS A 28 -21.74 2.16 17.38
C LYS A 28 -20.76 2.48 16.25
N GLU A 29 -20.15 3.66 16.32
CA GLU A 29 -19.29 4.16 15.26
C GLU A 29 -17.82 3.96 15.63
N VAL A 30 -17.04 3.48 14.67
CA VAL A 30 -15.63 3.20 14.85
C VAL A 30 -14.85 4.08 13.88
N LYS A 31 -14.10 5.03 14.43
CA LYS A 31 -13.19 5.88 13.65
C LYS A 31 -11.86 5.15 13.53
N LEU A 32 -11.50 4.76 12.30
CA LEU A 32 -10.29 3.99 12.05
C LEU A 32 -9.41 4.76 11.09
N LEU A 33 -8.13 4.91 11.45
CA LEU A 33 -7.18 5.64 10.64
C LEU A 33 -6.13 4.67 10.08
N LEU A 34 -5.96 4.69 8.76
CA LEU A 34 -4.88 3.98 8.10
C LEU A 34 -3.69 4.92 7.96
N LEU A 35 -2.58 4.56 8.59
CA LEU A 35 -1.36 5.32 8.53
C LEU A 35 -0.22 4.45 8.00
N GLY A 36 0.84 5.10 7.55
CA GLY A 36 1.99 4.42 7.03
C GLY A 36 2.61 5.20 5.89
N ALA A 37 3.85 4.86 5.56
CA ALA A 37 4.56 5.52 4.48
C ALA A 37 3.92 5.20 3.14
N GLY A 38 4.32 5.94 2.11
CA GLY A 38 3.85 5.65 0.77
C GLY A 38 4.21 4.23 0.37
N GLU A 39 3.28 3.58 -0.34
CA GLU A 39 3.44 2.24 -0.88
C GLU A 39 3.35 1.15 0.18
N SER A 40 2.90 1.48 1.39
CA SER A 40 2.83 0.48 2.45
C SER A 40 1.61 -0.42 2.33
N GLY A 41 0.56 0.00 1.63
CA GLY A 41 -0.59 -0.85 1.40
C GLY A 41 -1.91 -0.26 1.89
N LYS A 42 -1.93 1.02 2.22
CA LYS A 42 -3.13 1.63 2.80
C LYS A 42 -4.30 1.59 1.81
N SER A 43 -4.12 2.18 0.63
CA SER A 43 -5.20 2.22 -0.34
C SER A 43 -5.65 0.82 -0.75
N THR A 44 -4.71 -0.13 -0.78
CA THR A 44 -5.08 -1.52 -1.04
C THR A 44 -6.02 -2.04 0.03
N ILE A 45 -5.81 -1.63 1.29
CA ILE A 45 -6.71 -2.05 2.36
C ILE A 45 -8.06 -1.39 2.22
N VAL A 46 -8.10 -0.12 1.81
CA VAL A 46 -9.38 0.53 1.53
C VAL A 46 -10.16 -0.25 0.47
N LYS A 47 -9.49 -0.60 -0.62
CA LYS A 47 -10.15 -1.35 -1.69
C LYS A 47 -10.57 -2.73 -1.22
N GLN A 48 -9.79 -3.35 -0.34
CA GLN A 48 -10.18 -4.66 0.20
C GLN A 48 -11.42 -4.54 1.07
N MET A 49 -11.52 -3.47 1.87
CA MET A 49 -12.76 -3.22 2.61
C MET A 49 -13.93 -3.11 1.65
N LYS A 50 -13.77 -2.34 0.56
CA LYS A 50 -14.83 -2.25 -0.42
C LYS A 50 -15.23 -3.64 -0.94
N ILE A 51 -14.25 -4.48 -1.24
CA ILE A 51 -14.55 -5.80 -1.80
C ILE A 51 -15.25 -6.67 -0.78
N ILE A 52 -14.84 -6.62 0.48
CA ILE A 52 -15.29 -7.58 1.48
C ILE A 52 -16.60 -7.16 2.12
N HIS A 53 -16.67 -5.95 2.67
CA HIS A 53 -17.82 -5.51 3.45
C HIS A 53 -18.74 -4.58 2.68
N GLU A 54 -18.63 -4.53 1.35
CA GLU A 54 -19.40 -3.58 0.55
C GLU A 54 -19.82 -4.28 -0.74
N ASP A 55 -20.37 -3.48 -1.67
CA ASP A 55 -20.90 -4.04 -2.91
C ASP A 55 -19.83 -4.77 -3.71
N GLY A 56 -18.58 -4.37 -3.57
CA GLY A 56 -17.54 -4.83 -4.47
C GLY A 56 -17.23 -3.76 -5.50
N TYR A 57 -16.95 -4.16 -6.74
CA TYR A 57 -16.74 -3.23 -7.84
C TYR A 57 -17.61 -3.64 -9.01
N SER A 58 -18.51 -2.75 -9.42
CA SER A 58 -19.37 -3.00 -10.56
C SER A 58 -18.59 -2.81 -11.86
N GLU A 59 -19.17 -3.30 -12.96
CA GLU A 59 -18.51 -3.16 -14.25
C GLU A 59 -18.34 -1.69 -14.63
N ASP A 60 -19.32 -0.85 -14.29
CA ASP A 60 -19.16 0.58 -14.51
C ASP A 60 -18.03 1.15 -13.67
N GLU A 61 -17.74 0.51 -12.53
CA GLU A 61 -16.61 0.93 -11.70
C GLU A 61 -15.30 0.41 -12.26
N CYS A 62 -15.28 -0.83 -12.76
CA CYS A 62 -14.04 -1.41 -13.26
C CYS A 62 -13.60 -0.76 -14.56
N LYS A 63 -14.54 -0.52 -15.48
CA LYS A 63 -14.19 0.15 -16.73
C LYS A 63 -13.48 1.48 -16.49
N GLN A 64 -13.77 2.13 -15.37
CA GLN A 64 -13.11 3.39 -15.05
C GLN A 64 -11.61 3.21 -14.82
N TYR A 65 -11.19 2.03 -14.36
CA TYR A 65 -9.80 1.77 -14.01
C TYR A 65 -8.98 1.25 -15.18
N LYS A 66 -9.56 1.18 -16.38
CA LYS A 66 -8.82 0.73 -17.56
C LYS A 66 -7.64 1.66 -17.84
N VAL A 67 -7.92 2.97 -17.87
CA VAL A 67 -6.87 3.95 -18.14
C VAL A 67 -5.79 3.86 -17.07
N VAL A 68 -6.18 3.65 -15.81
CA VAL A 68 -5.20 3.56 -14.74
C VAL A 68 -4.33 2.33 -14.90
N VAL A 69 -4.94 1.20 -15.27
CA VAL A 69 -4.17 -0.02 -15.50
C VAL A 69 -3.12 0.22 -16.58
N TYR A 70 -3.54 0.82 -17.69
CA TYR A 70 -2.59 1.07 -18.78
C TYR A 70 -1.50 2.05 -18.37
N SER A 71 -1.88 3.10 -17.64
CA SER A 71 -0.91 4.10 -17.20
C SER A 71 0.12 3.48 -16.26
N ASN A 72 -0.33 2.66 -15.30
CA ASN A 72 0.60 2.01 -14.39
C ASN A 72 1.53 1.06 -15.14
N THR A 73 0.99 0.32 -16.11
CA THR A 73 1.83 -0.58 -16.89
C THR A 73 2.93 0.19 -17.62
N ILE A 74 2.54 1.25 -18.32
CA ILE A 74 3.50 2.02 -19.11
C ILE A 74 4.52 2.69 -18.20
N GLN A 75 4.06 3.30 -17.10
CA GLN A 75 4.98 3.94 -16.16
C GLN A 75 5.97 2.94 -15.59
N SER A 76 5.51 1.72 -15.30
CA SER A 76 6.41 0.71 -14.73
C SER A 76 7.49 0.31 -15.74
N ILE A 77 7.08 0.01 -16.98
CA ILE A 77 8.08 -0.39 -17.96
C ILE A 77 9.05 0.76 -18.24
N ILE A 78 8.54 2.00 -18.26
CA ILE A 78 9.42 3.16 -18.47
C ILE A 78 10.40 3.30 -17.32
N ALA A 79 9.95 3.08 -16.08
CA ALA A 79 10.85 3.16 -14.94
C ALA A 79 11.96 2.14 -15.06
N ILE A 80 11.62 0.91 -15.48
CA ILE A 80 12.66 -0.11 -15.65
C ILE A 80 13.64 0.31 -16.75
N ILE A 81 13.12 0.82 -17.86
CA ILE A 81 13.99 1.20 -18.97
C ILE A 81 14.95 2.31 -18.55
N ARG A 82 14.44 3.33 -17.87
CA ARG A 82 15.30 4.41 -17.40
C ARG A 82 16.33 3.89 -16.40
N ALA A 83 15.91 3.00 -15.50
CA ALA A 83 16.85 2.39 -14.56
C ALA A 83 17.99 1.71 -15.31
N MET A 84 17.69 1.05 -16.42
CA MET A 84 18.75 0.41 -17.21
C MET A 84 19.81 1.42 -17.59
N GLY A 85 19.39 2.60 -18.08
CA GLY A 85 20.35 3.63 -18.43
C GLY A 85 21.13 4.12 -17.22
N ARG A 86 20.46 4.26 -16.08
CA ARG A 86 21.16 4.74 -14.88
C ARG A 86 22.13 3.70 -14.34
N LEU A 87 21.78 2.41 -14.45
CA LEU A 87 22.58 1.35 -13.86
C LEU A 87 23.59 0.73 -14.82
N LYS A 88 23.69 1.25 -16.04
CA LYS A 88 24.61 0.70 -17.04
C LYS A 88 24.28 -0.75 -17.36
N ILE A 89 23.01 -0.99 -17.68
CA ILE A 89 22.54 -2.31 -18.08
C ILE A 89 22.18 -2.25 -19.56
N ASP A 90 22.82 -3.09 -20.36
CA ASP A 90 22.60 -3.11 -21.80
C ASP A 90 21.45 -4.06 -22.14
N PHE A 91 20.81 -3.79 -23.27
CA PHE A 91 19.76 -4.67 -23.76
C PHE A 91 20.35 -6.00 -24.22
N GLY A 92 19.59 -7.07 -24.02
CA GLY A 92 20.01 -8.37 -24.50
C GLY A 92 20.12 -8.43 -26.01
N GLU A 93 19.22 -7.73 -26.70
CA GLU A 93 19.23 -7.64 -28.15
C GLU A 93 19.15 -6.18 -28.56
N ALA A 94 20.12 -5.73 -29.38
CA ALA A 94 20.22 -4.33 -29.73
C ALA A 94 18.91 -3.77 -30.29
N ALA A 95 18.16 -4.61 -31.00
CA ALA A 95 16.89 -4.15 -31.58
C ALA A 95 16.02 -3.46 -30.54
N ARG A 96 16.06 -3.94 -29.30
CA ARG A 96 15.18 -3.39 -28.28
C ARG A 96 15.33 -1.88 -28.15
N ALA A 97 16.54 -1.34 -28.38
CA ALA A 97 16.72 0.10 -28.33
C ALA A 97 15.61 0.81 -29.12
N ASP A 98 15.41 0.40 -30.37
CA ASP A 98 14.35 0.97 -31.18
C ASP A 98 13.02 0.93 -30.43
N ASP A 99 12.62 -0.27 -29.98
CA ASP A 99 11.40 -0.41 -29.19
C ASP A 99 11.37 0.61 -28.05
N ALA A 100 12.46 0.69 -27.28
CA ALA A 100 12.51 1.63 -26.18
C ALA A 100 12.12 3.02 -26.64
N ARG A 101 12.74 3.50 -27.73
CA ARG A 101 12.41 4.81 -28.24
C ARG A 101 10.92 4.94 -28.50
N GLN A 102 10.35 3.96 -29.21
CA GLN A 102 8.92 4.01 -29.51
C GLN A 102 8.09 4.07 -28.23
N LEU A 103 8.52 3.36 -27.19
CA LEU A 103 7.79 3.40 -25.93
C LEU A 103 7.66 4.82 -25.42
N PHE A 104 8.70 5.64 -25.58
CA PHE A 104 8.63 7.02 -25.14
C PHE A 104 7.80 7.87 -26.11
N VAL A 105 7.77 7.50 -27.39
CA VAL A 105 6.93 8.21 -28.34
C VAL A 105 5.46 7.92 -28.07
N LEU A 106 5.15 6.66 -27.75
CA LEU A 106 3.78 6.20 -27.58
C LEU A 106 3.36 6.12 -26.12
N ALA A 107 4.15 6.68 -25.20
CA ALA A 107 3.83 6.56 -23.78
C ALA A 107 2.46 7.13 -23.45
N GLY A 108 2.04 8.18 -24.16
CA GLY A 108 0.74 8.78 -23.95
C GLY A 108 -0.36 8.26 -24.86
N SER A 109 -0.13 7.16 -25.57
CA SER A 109 -1.10 6.69 -26.55
C SER A 109 -2.35 6.12 -25.90
N ALA A 110 -2.21 5.53 -24.70
CA ALA A 110 -3.32 4.86 -24.05
C ALA A 110 -4.08 5.76 -23.08
N GLU A 111 -3.90 7.08 -23.18
CA GLU A 111 -4.66 7.99 -22.33
C GLU A 111 -6.15 7.90 -22.62
N GLU A 112 -6.52 7.48 -23.82
CA GLU A 112 -7.92 7.30 -24.19
C GLU A 112 -8.45 5.92 -23.83
N GLY A 113 -7.75 5.20 -22.95
CA GLY A 113 -8.16 3.85 -22.61
C GLY A 113 -7.98 2.84 -23.72
N VAL A 114 -7.17 3.15 -24.72
CA VAL A 114 -6.97 2.28 -25.88
C VAL A 114 -5.47 2.02 -25.99
N MET A 115 -5.07 0.77 -25.80
CA MET A 115 -3.68 0.37 -26.01
C MET A 115 -3.57 -0.20 -27.43
N THR A 116 -2.91 0.54 -28.31
CA THR A 116 -2.75 0.10 -29.69
C THR A 116 -1.89 -1.16 -29.73
N SER A 117 -2.03 -1.91 -30.83
CA SER A 117 -1.25 -3.13 -31.00
C SER A 117 0.24 -2.83 -31.03
N GLU A 118 0.63 -1.68 -31.59
CA GLU A 118 2.04 -1.32 -31.66
C GLU A 118 2.62 -1.18 -30.27
N LEU A 119 1.94 -0.44 -29.39
CA LEU A 119 2.44 -0.25 -28.03
C LEU A 119 2.51 -1.56 -27.27
N ALA A 120 1.48 -2.39 -27.41
CA ALA A 120 1.49 -3.70 -26.76
C ALA A 120 2.69 -4.52 -27.22
N GLY A 121 2.96 -4.51 -28.52
CA GLY A 121 4.13 -5.21 -29.03
C GLY A 121 5.43 -4.67 -28.46
N VAL A 122 5.54 -3.35 -28.36
CA VAL A 122 6.73 -2.74 -27.79
C VAL A 122 6.94 -3.22 -26.36
N ILE A 123 5.88 -3.14 -25.54
CA ILE A 123 6.02 -3.51 -24.13
C ILE A 123 6.34 -5.00 -24.00
N LYS A 124 5.72 -5.83 -24.83
CA LYS A 124 5.99 -7.26 -24.80
C LYS A 124 7.44 -7.55 -25.12
N ARG A 125 7.95 -6.97 -26.22
CA ARG A 125 9.32 -7.23 -26.61
C ARG A 125 10.32 -6.69 -25.60
N LEU A 126 9.97 -5.61 -24.90
CA LEU A 126 10.88 -5.08 -23.87
C LEU A 126 10.85 -5.97 -22.62
N TRP A 127 9.65 -6.36 -22.17
CA TRP A 127 9.53 -7.21 -20.99
C TRP A 127 10.15 -8.59 -21.23
N ARG A 128 10.24 -9.02 -22.50
CA ARG A 128 10.87 -10.29 -22.80
C ARG A 128 12.39 -10.22 -22.69
N ASP A 129 12.98 -9.06 -22.96
CA ASP A 129 14.43 -8.96 -23.10
C ASP A 129 15.14 -9.38 -21.83
N GLY A 130 16.36 -9.89 -22.00
CA GLY A 130 17.13 -10.37 -20.85
C GLY A 130 17.68 -9.23 -20.01
N GLY A 131 18.09 -8.13 -20.66
CA GLY A 131 18.59 -6.99 -19.91
C GLY A 131 17.50 -6.31 -19.10
N VAL A 132 16.30 -6.20 -19.66
CA VAL A 132 15.19 -5.63 -18.91
C VAL A 132 14.89 -6.45 -17.68
N GLN A 133 15.00 -7.79 -17.79
CA GLN A 133 14.77 -8.65 -16.63
C GLN A 133 15.92 -8.55 -15.63
N ALA A 134 17.14 -8.40 -16.13
CA ALA A 134 18.27 -8.14 -15.24
C ALA A 134 18.04 -6.88 -14.42
N CYS A 135 17.44 -5.86 -15.03
CA CYS A 135 17.13 -4.63 -14.31
C CYS A 135 15.96 -4.82 -13.35
N PHE A 136 14.93 -5.55 -13.79
CA PHE A 136 13.81 -5.85 -12.92
C PHE A 136 14.28 -6.56 -11.66
N SER A 137 15.24 -7.47 -11.78
CA SER A 137 15.73 -8.20 -10.61
C SER A 137 16.44 -7.28 -9.64
N ARG A 138 17.02 -6.17 -10.13
CA ARG A 138 17.66 -5.18 -9.28
C ARG A 138 16.73 -4.04 -8.92
N SER A 139 15.45 -4.14 -9.29
CA SER A 139 14.41 -3.21 -8.88
C SER A 139 14.64 -2.50 -7.55
N ARG A 140 15.31 -3.14 -6.60
CA ARG A 140 15.55 -2.49 -5.31
C ARG A 140 16.39 -1.22 -5.44
N GLU A 141 17.13 -1.07 -6.54
CA GLU A 141 17.99 0.09 -6.72
C GLU A 141 17.25 1.30 -7.29
N TYR A 142 16.01 1.14 -7.72
CA TYR A 142 15.21 2.29 -8.13
C TYR A 142 13.79 2.21 -7.55
N GLN A 143 13.56 1.38 -6.54
CA GLN A 143 12.31 1.35 -5.80
C GLN A 143 11.10 1.18 -6.72
N LEU A 144 11.19 0.20 -7.62
CA LEU A 144 10.10 -0.07 -8.53
C LEU A 144 8.84 -0.45 -7.74
N ASN A 145 7.70 0.10 -8.16
CA ASN A 145 6.45 -0.21 -7.50
C ASN A 145 6.13 -1.70 -7.64
N ASP A 146 5.38 -2.23 -6.67
CA ASP A 146 5.18 -3.66 -6.54
C ASP A 146 4.06 -4.21 -7.41
N SER A 147 3.41 -3.37 -8.23
CA SER A 147 2.40 -3.83 -9.17
C SER A 147 2.93 -3.93 -10.60
N ALA A 148 4.21 -3.64 -10.81
CA ALA A 148 4.76 -3.67 -12.16
C ALA A 148 4.65 -5.07 -12.77
N SER A 149 5.22 -6.07 -12.10
CA SER A 149 5.22 -7.43 -12.62
C SER A 149 3.80 -7.95 -12.82
N TYR A 150 2.89 -7.59 -11.91
CA TYR A 150 1.52 -8.08 -12.02
C TYR A 150 0.92 -7.72 -13.38
N TYR A 151 0.99 -6.44 -13.75
CA TYR A 151 0.41 -6.02 -15.02
C TYR A 151 1.25 -6.48 -16.21
N LEU A 152 2.58 -6.42 -16.09
CA LEU A 152 3.42 -6.74 -17.24
C LEU A 152 3.33 -8.22 -17.60
N ASN A 153 3.24 -9.10 -16.61
CA ASN A 153 3.12 -10.53 -16.88
C ASN A 153 1.76 -10.90 -17.45
N ASP A 154 0.75 -10.04 -17.28
CA ASP A 154 -0.58 -10.25 -17.84
C ASP A 154 -0.84 -9.33 -19.04
N LEU A 155 0.22 -8.97 -19.76
CA LEU A 155 0.07 -7.98 -20.83
C LEU A 155 -0.85 -8.49 -21.93
N ASP A 156 -0.71 -9.76 -22.30
CA ASP A 156 -1.59 -10.33 -23.33
C ASP A 156 -3.05 -10.16 -22.96
N ARG A 157 -3.40 -10.42 -21.71
CA ARG A 157 -4.79 -10.31 -21.28
C ARG A 157 -5.25 -8.86 -21.26
N ILE A 158 -4.45 -7.97 -20.71
CA ILE A 158 -4.90 -6.59 -20.53
C ILE A 158 -4.88 -5.81 -21.85
N SER A 159 -4.18 -6.30 -22.87
CA SER A 159 -4.07 -5.58 -24.12
C SER A 159 -5.31 -5.67 -24.99
N GLN A 160 -6.14 -6.70 -24.80
CA GLN A 160 -7.29 -6.91 -25.67
C GLN A 160 -8.22 -5.70 -25.64
N THR A 161 -8.88 -5.45 -26.77
CA THR A 161 -9.78 -4.31 -26.87
C THR A 161 -10.99 -4.49 -25.96
N ASN A 162 -11.52 -5.71 -25.87
CA ASN A 162 -12.66 -6.00 -25.02
C ASN A 162 -12.30 -6.09 -23.54
N TYR A 163 -11.05 -5.83 -23.19
CA TYR A 163 -10.60 -6.02 -21.82
C TYR A 163 -11.31 -5.07 -20.86
N ILE A 164 -11.79 -5.63 -19.75
CA ILE A 164 -12.33 -4.85 -18.63
C ILE A 164 -11.59 -5.31 -17.38
N PRO A 165 -11.10 -4.41 -16.54
CA PRO A 165 -10.26 -4.85 -15.42
C PRO A 165 -11.00 -5.77 -14.46
N THR A 166 -10.35 -6.88 -14.10
CA THR A 166 -10.88 -7.76 -13.08
C THR A 166 -10.73 -7.09 -11.71
N GLN A 167 -11.35 -7.70 -10.69
CA GLN A 167 -11.29 -7.14 -9.34
C GLN A 167 -9.84 -7.09 -8.85
N GLN A 168 -9.07 -8.16 -9.10
CA GLN A 168 -7.68 -8.16 -8.69
C GLN A 168 -6.87 -7.13 -9.47
N ASP A 169 -7.22 -6.92 -10.74
CA ASP A 169 -6.61 -5.83 -11.50
C ASP A 169 -6.85 -4.48 -10.83
N VAL A 170 -8.04 -4.29 -10.27
CA VAL A 170 -8.37 -3.00 -9.66
C VAL A 170 -7.66 -2.85 -8.32
N LEU A 171 -7.54 -3.94 -7.55
CA LEU A 171 -6.80 -3.88 -6.30
C LEU A 171 -5.39 -3.36 -6.54
N ARG A 172 -4.78 -3.76 -7.66
CA ARG A 172 -3.37 -3.49 -7.92
C ARG A 172 -3.10 -2.10 -8.48
N THR A 173 -4.13 -1.32 -8.80
CA THR A 173 -3.90 -0.01 -9.37
C THR A 173 -3.37 0.96 -8.31
N ARG A 174 -2.50 1.86 -8.74
CA ARG A 174 -1.91 2.87 -7.88
C ARG A 174 -2.43 4.23 -8.32
N VAL A 175 -3.14 4.91 -7.43
CA VAL A 175 -3.81 6.17 -7.73
C VAL A 175 -3.30 7.24 -6.79
N LYS A 176 -3.18 8.46 -7.30
CA LYS A 176 -2.70 9.59 -6.52
C LYS A 176 -3.83 10.15 -5.66
N THR A 177 -3.55 10.36 -4.38
CA THR A 177 -4.55 10.83 -3.43
C THR A 177 -4.40 12.33 -3.23
N THR A 178 -5.47 13.08 -3.47
CA THR A 178 -5.48 14.52 -3.30
C THR A 178 -6.22 14.95 -2.05
N GLY A 179 -7.44 14.45 -1.84
CA GLY A 179 -8.28 14.90 -0.75
C GLY A 179 -8.50 13.88 0.34
N ILE A 180 -9.74 13.78 0.82
CA ILE A 180 -10.10 12.94 1.94
C ILE A 180 -10.52 11.58 1.39
N VAL A 181 -9.64 10.59 1.50
CA VAL A 181 -9.95 9.23 1.07
C VAL A 181 -10.62 8.53 2.25
N GLU A 182 -11.89 8.19 2.08
CA GLU A 182 -12.70 7.56 3.12
C GLU A 182 -13.47 6.40 2.54
N THR A 183 -13.71 5.39 3.37
CA THR A 183 -14.67 4.35 3.04
C THR A 183 -15.47 4.05 4.30
N HIS A 184 -16.71 3.61 4.09
CA HIS A 184 -17.62 3.31 5.20
C HIS A 184 -18.22 1.93 4.98
N PHE A 185 -18.44 1.21 6.08
CA PHE A 185 -19.12 -0.07 5.94
C PHE A 185 -19.69 -0.47 7.29
N THR A 186 -20.43 -1.59 7.29
CA THR A 186 -20.99 -2.16 8.50
C THR A 186 -20.41 -3.55 8.69
N PHE A 187 -19.89 -3.81 9.88
CA PHE A 187 -19.32 -5.11 10.20
C PHE A 187 -19.57 -5.38 11.68
N LYS A 188 -20.18 -6.51 11.98
CA LYS A 188 -20.51 -6.89 13.36
C LYS A 188 -21.27 -5.78 14.05
N GLU A 189 -22.29 -5.26 13.37
CA GLU A 189 -23.16 -4.21 13.88
C GLU A 189 -22.40 -2.93 14.23
N LEU A 190 -21.19 -2.78 13.70
CA LEU A 190 -20.39 -1.59 13.89
C LEU A 190 -20.31 -0.81 12.58
N TYR A 191 -20.45 0.51 12.67
CA TYR A 191 -20.30 1.38 11.50
C TYR A 191 -18.86 1.85 11.46
N PHE A 192 -18.09 1.33 10.50
CA PHE A 192 -16.69 1.68 10.34
C PHE A 192 -16.57 2.87 9.40
N LYS A 193 -15.95 3.95 9.90
CA LYS A 193 -15.48 5.09 9.12
C LYS A 193 -13.96 4.97 9.03
N MET A 194 -13.46 4.49 7.89
CA MET A 194 -12.03 4.25 7.69
C MET A 194 -11.46 5.34 6.81
N PHE A 195 -10.44 6.04 7.31
CA PHE A 195 -9.83 7.16 6.62
C PHE A 195 -8.38 6.82 6.27
N ASP A 196 -8.05 6.91 4.98
CA ASP A 196 -6.68 6.72 4.52
C ASP A 196 -5.94 8.05 4.62
N VAL A 197 -4.88 8.08 5.42
CA VAL A 197 -4.15 9.31 5.72
C VAL A 197 -2.75 9.16 5.12
N GLY A 198 -2.44 9.99 4.13
CA GLY A 198 -1.16 9.96 3.46
C GLY A 198 -0.14 10.88 4.11
N GLY A 199 0.85 11.28 3.31
CA GLY A 199 1.92 12.13 3.78
C GLY A 199 1.80 13.57 3.31
N GLN A 200 0.60 13.95 2.85
CA GLN A 200 0.40 15.29 2.34
C GLN A 200 0.47 16.31 3.48
N ARG A 201 0.84 17.53 3.13
CA ARG A 201 0.86 18.63 4.09
C ARG A 201 -0.53 19.25 4.20
N SER A 202 -0.94 19.55 5.42
CA SER A 202 -2.28 20.04 5.68
C SER A 202 -2.25 21.04 6.82
N GLU A 203 -3.40 21.67 7.06
CA GLU A 203 -3.54 22.64 8.14
C GLU A 203 -3.66 21.92 9.47
N ARG A 204 -3.16 22.58 10.53
CA ARG A 204 -3.11 21.94 11.84
C ARG A 204 -4.50 21.63 12.36
N LYS A 205 -5.46 22.52 12.13
CA LYS A 205 -6.83 22.25 12.58
C LYS A 205 -7.38 20.98 11.93
N LYS A 206 -7.03 20.75 10.66
CA LYS A 206 -7.48 19.53 9.99
C LYS A 206 -6.89 18.29 10.65
N TRP A 207 -5.63 18.37 11.08
CA TRP A 207 -5.03 17.24 11.78
C TRP A 207 -5.69 17.03 13.13
N ILE A 208 -6.00 18.12 13.85
CA ILE A 208 -6.72 17.99 15.11
C ILE A 208 -8.05 17.30 14.90
N HIS A 209 -8.78 17.68 13.85
CA HIS A 209 -10.06 17.06 13.57
C HIS A 209 -9.90 15.60 13.14
N CYS A 210 -8.80 15.28 12.45
CA CYS A 210 -8.59 13.92 11.96
C CYS A 210 -8.19 12.96 13.08
N PHE A 211 -7.44 13.44 14.07
CA PHE A 211 -6.94 12.60 15.15
C PHE A 211 -7.82 12.63 16.40
N GLU A 212 -8.97 13.30 16.34
CA GLU A 212 -9.88 13.37 17.47
C GLU A 212 -10.82 12.17 17.49
N GLY A 213 -10.99 11.59 18.66
CA GLY A 213 -11.92 10.47 18.82
C GLY A 213 -11.64 9.31 17.91
N VAL A 214 -10.37 9.02 17.64
CA VAL A 214 -10.01 7.88 16.80
C VAL A 214 -10.14 6.61 17.64
N THR A 215 -10.90 5.65 17.12
CA THR A 215 -11.09 4.39 17.83
C THR A 215 -9.91 3.46 17.63
N ALA A 216 -9.44 3.34 16.39
CA ALA A 216 -8.33 2.42 16.10
C ALA A 216 -7.43 3.01 15.03
N ILE A 217 -6.16 2.64 15.09
CA ILE A 217 -5.20 2.98 14.06
C ILE A 217 -4.61 1.68 13.52
N ILE A 218 -4.52 1.59 12.20
CA ILE A 218 -3.79 0.52 11.52
C ILE A 218 -2.58 1.16 10.87
N PHE A 219 -1.39 0.82 11.34
CA PHE A 219 -0.15 1.33 10.76
C PHE A 219 0.44 0.26 9.87
N CYS A 220 0.55 0.56 8.58
CA CYS A 220 1.03 -0.38 7.58
C CYS A 220 2.53 -0.19 7.34
N VAL A 221 3.26 -1.30 7.27
CA VAL A 221 4.70 -1.28 7.07
C VAL A 221 5.03 -2.25 5.94
N ALA A 222 5.66 -1.76 4.89
CA ALA A 222 6.14 -2.63 3.82
C ALA A 222 7.41 -3.32 4.27
N LEU A 223 7.30 -4.59 4.69
CA LEU A 223 8.48 -5.35 5.07
C LEU A 223 9.50 -5.40 3.93
N SER A 224 9.03 -5.66 2.72
CA SER A 224 9.92 -5.80 1.56
C SER A 224 10.67 -4.52 1.24
N ASP A 225 10.37 -3.41 1.90
CA ASP A 225 11.15 -2.20 1.73
C ASP A 225 12.49 -2.23 2.48
N TYR A 226 12.81 -3.33 3.15
CA TYR A 226 14.00 -3.32 4.01
C TYR A 226 15.29 -3.10 3.22
N ASP A 227 15.37 -3.57 1.98
CA ASP A 227 16.61 -3.54 1.22
C ASP A 227 16.65 -2.46 0.15
N LEU A 228 15.70 -1.52 0.15
CA LEU A 228 15.68 -0.49 -0.89
C LEU A 228 16.81 0.51 -0.68
N VAL A 229 17.38 0.99 -1.79
CA VAL A 229 18.40 2.04 -1.74
C VAL A 229 17.76 3.31 -1.22
N LEU A 230 18.58 4.27 -0.83
CA LEU A 230 18.08 5.56 -0.35
C LEU A 230 18.07 6.57 -1.50
N ALA A 231 17.03 7.39 -1.53
CA ALA A 231 17.00 8.53 -2.45
C ALA A 231 17.87 9.65 -1.90
N GLU A 232 18.27 10.55 -2.79
CA GLU A 232 19.15 11.64 -2.39
C GLU A 232 18.50 12.49 -1.31
N ASP A 233 19.30 12.85 -0.31
CA ASP A 233 18.93 13.69 0.83
C ASP A 233 18.04 12.96 1.83
N GLU A 234 17.72 11.69 1.61
CA GLU A 234 17.06 10.91 2.64
C GLU A 234 18.02 10.67 3.79
N GLU A 235 17.56 10.91 5.03
CA GLU A 235 18.42 10.75 6.19
C GLU A 235 18.52 9.29 6.64
N MET A 236 17.60 8.44 6.20
CA MET A 236 17.58 7.05 6.64
C MET A 236 16.75 6.24 5.66
N ASN A 237 16.92 4.92 5.72
CA ASN A 237 16.21 4.04 4.81
C ASN A 237 14.72 3.99 5.16
N ARG A 238 13.92 3.44 4.23
CA ARG A 238 12.48 3.48 4.36
C ARG A 238 12.01 2.84 5.67
N MET A 239 12.57 1.68 6.01
CA MET A 239 12.14 0.97 7.22
C MET A 239 12.31 1.86 8.45
N HIS A 240 13.40 2.62 8.52
CA HIS A 240 13.60 3.49 9.68
C HIS A 240 12.70 4.72 9.65
N GLU A 241 12.39 5.24 8.46
CA GLU A 241 11.35 6.26 8.36
C GLU A 241 10.05 5.76 8.96
N SER A 242 9.66 4.53 8.60
CA SER A 242 8.42 3.96 9.10
C SER A 242 8.49 3.73 10.61
N MET A 243 9.66 3.31 11.11
CA MET A 243 9.85 3.18 12.55
C MET A 243 9.67 4.51 13.26
N LYS A 244 10.19 5.59 12.67
CA LYS A 244 10.01 6.92 13.22
C LYS A 244 8.53 7.28 13.30
N LEU A 245 7.81 7.10 12.19
CA LEU A 245 6.36 7.37 12.18
C LEU A 245 5.65 6.57 13.26
N PHE A 246 5.96 5.27 13.36
CA PHE A 246 5.26 4.41 14.32
C PHE A 246 5.60 4.77 15.75
N ASP A 247 6.84 5.19 16.02
CA ASP A 247 7.18 5.70 17.34
C ASP A 247 6.30 6.87 17.70
N SER A 248 6.26 7.88 16.83
CA SER A 248 5.42 9.05 17.10
C SER A 248 3.97 8.65 17.32
N ILE A 249 3.49 7.63 16.60
CA ILE A 249 2.10 7.20 16.74
C ILE A 249 1.89 6.55 18.12
N CYS A 250 2.69 5.53 18.41
CA CYS A 250 2.53 4.81 19.67
C CYS A 250 2.57 5.75 20.87
N ASN A 251 3.62 6.56 20.97
CA ASN A 251 3.86 7.28 22.22
C ASN A 251 3.26 8.68 22.23
N ASN A 252 2.08 8.88 21.65
CA ASN A 252 1.44 10.19 21.64
C ASN A 252 0.20 10.19 22.53
N LYS A 253 -0.17 11.39 22.99
CA LYS A 253 -1.30 11.52 23.90
C LYS A 253 -2.63 11.29 23.20
N TRP A 254 -2.73 11.65 21.93
CA TRP A 254 -3.99 11.51 21.21
C TRP A 254 -4.49 10.07 21.22
N PHE A 255 -3.58 9.10 21.28
CA PHE A 255 -3.91 7.71 21.02
C PHE A 255 -3.74 6.82 22.24
N THR A 256 -3.61 7.39 23.44
CA THR A 256 -3.54 6.58 24.65
C THR A 256 -4.76 5.65 24.76
N ASP A 257 -5.93 6.12 24.32
CA ASP A 257 -7.14 5.31 24.32
C ASP A 257 -7.22 4.40 23.11
N THR A 258 -6.51 4.72 22.03
CA THR A 258 -6.71 4.06 20.76
C THR A 258 -6.04 2.69 20.73
N SER A 259 -6.69 1.76 20.02
CA SER A 259 -6.08 0.46 19.73
C SER A 259 -5.13 0.61 18.56
N ILE A 260 -3.84 0.40 18.82
CA ILE A 260 -2.81 0.50 17.81
C ILE A 260 -2.57 -0.89 17.23
N ILE A 261 -2.77 -1.02 15.93
CA ILE A 261 -2.62 -2.27 15.21
C ILE A 261 -1.52 -2.09 14.19
N LEU A 262 -0.66 -3.09 14.05
CA LEU A 262 0.50 -3.00 13.17
C LEU A 262 0.35 -4.05 12.09
N PHE A 263 0.21 -3.61 10.85
CA PHE A 263 0.15 -4.49 9.69
C PHE A 263 1.54 -4.55 9.08
N LEU A 264 2.28 -5.62 9.38
CA LEU A 264 3.53 -5.90 8.68
C LEU A 264 3.16 -6.54 7.35
N ASN A 265 2.99 -5.68 6.34
CA ASN A 265 2.41 -6.02 5.05
C ASN A 265 3.49 -6.48 4.07
N LYS A 266 3.04 -6.96 2.91
CA LYS A 266 3.93 -7.42 1.84
C LYS A 266 4.80 -8.58 2.32
N LYS A 267 4.22 -9.47 3.11
CA LYS A 267 4.96 -10.62 3.60
C LYS A 267 5.28 -11.60 2.48
N ASP A 268 4.46 -11.65 1.44
CA ASP A 268 4.74 -12.51 0.29
C ASP A 268 6.02 -12.06 -0.42
N LEU A 269 6.19 -10.75 -0.61
CA LEU A 269 7.41 -10.25 -1.24
C LEU A 269 8.60 -10.38 -0.29
N PHE A 270 8.38 -10.15 1.00
CA PHE A 270 9.46 -10.27 1.98
C PHE A 270 10.00 -11.70 2.02
N GLU A 271 9.12 -12.69 1.91
CA GLU A 271 9.56 -14.08 1.99
C GLU A 271 10.50 -14.43 0.84
N GLU A 272 10.22 -13.92 -0.36
CA GLU A 272 11.11 -14.16 -1.48
C GLU A 272 12.38 -13.32 -1.38
N LYS A 273 12.28 -12.12 -0.82
CA LYS A 273 13.43 -11.23 -0.76
C LYS A 273 14.46 -11.71 0.26
N ILE A 274 14.00 -12.20 1.41
CA ILE A 274 14.92 -12.50 2.51
C ILE A 274 15.94 -13.55 2.11
N LYS A 275 15.60 -14.42 1.16
CA LYS A 275 16.57 -15.40 0.68
C LYS A 275 17.77 -14.71 0.04
N ARG A 276 17.52 -13.82 -0.91
CA ARG A 276 18.59 -13.24 -1.71
C ARG A 276 19.24 -12.04 -1.04
N SER A 277 18.45 -11.25 -0.31
CA SER A 277 18.92 -9.96 0.20
C SER A 277 19.07 -10.01 1.71
N PRO A 278 20.27 -9.82 2.25
CA PRO A 278 20.43 -9.89 3.72
C PRO A 278 19.72 -8.74 4.42
N LEU A 279 19.11 -9.06 5.57
CA LEU A 279 18.48 -8.04 6.39
C LEU A 279 19.49 -7.03 6.91
N THR A 280 20.78 -7.38 6.91
CA THR A 280 21.81 -6.46 7.37
C THR A 280 21.80 -5.16 6.56
N ILE A 281 21.33 -5.21 5.32
CA ILE A 281 21.21 -4.00 4.51
C ILE A 281 20.41 -2.93 5.26
N CYS A 282 19.37 -3.37 5.97
CA CYS A 282 18.49 -2.46 6.70
C CYS A 282 18.94 -2.26 8.15
N TYR A 283 19.28 -3.35 8.84
CA TYR A 283 19.69 -3.33 10.24
C TYR A 283 21.11 -3.86 10.32
N PRO A 284 22.13 -2.99 10.24
CA PRO A 284 23.51 -3.50 10.25
C PRO A 284 23.86 -4.26 11.51
N GLU A 285 23.19 -3.98 12.63
CA GLU A 285 23.48 -4.68 13.88
C GLU A 285 22.92 -6.10 13.91
N TYR A 286 21.98 -6.43 13.01
CA TYR A 286 21.33 -7.72 13.06
C TYR A 286 22.33 -8.85 12.90
N THR A 287 22.37 -9.74 13.89
CA THR A 287 23.28 -10.89 13.87
C THR A 287 22.56 -12.22 13.69
N GLY A 288 21.24 -12.20 13.51
CA GLY A 288 20.48 -13.42 13.34
C GLY A 288 20.59 -13.96 11.93
N SER A 289 19.81 -15.02 11.68
CA SER A 289 19.82 -15.66 10.38
C SER A 289 18.94 -14.91 9.40
N ASN A 290 19.25 -15.07 8.11
CA ASN A 290 18.47 -14.45 7.04
C ASN A 290 17.40 -15.42 6.54
N THR A 291 16.48 -15.74 7.46
CA THR A 291 15.33 -16.57 7.17
C THR A 291 14.06 -15.77 7.43
N TYR A 292 12.97 -16.20 6.79
CA TYR A 292 11.70 -15.48 6.93
C TYR A 292 11.32 -15.33 8.39
N GLU A 293 11.34 -16.43 9.15
CA GLU A 293 10.81 -16.40 10.50
C GLU A 293 11.60 -15.46 11.39
N GLU A 294 12.93 -15.61 11.44
CA GLU A 294 13.73 -14.83 12.37
C GLU A 294 13.80 -13.37 11.94
N ALA A 295 13.95 -13.10 10.64
CA ALA A 295 13.99 -11.71 10.18
C ALA A 295 12.66 -11.01 10.43
N ALA A 296 11.54 -11.71 10.19
CA ALA A 296 10.23 -11.15 10.48
C ALA A 296 10.08 -10.86 11.97
N ALA A 297 10.50 -11.80 12.82
CA ALA A 297 10.46 -11.55 14.26
C ALA A 297 11.30 -10.34 14.63
N TYR A 298 12.47 -10.19 14.01
CA TYR A 298 13.34 -9.07 14.33
C TYR A 298 12.69 -7.75 13.96
N ILE A 299 12.07 -7.67 12.78
CA ILE A 299 11.40 -6.44 12.37
C ILE A 299 10.23 -6.15 13.30
N GLN A 300 9.43 -7.18 13.60
CA GLN A 300 8.31 -7.02 14.51
C GLN A 300 8.77 -6.44 15.84
N CYS A 301 9.84 -6.99 16.41
CA CYS A 301 10.34 -6.50 17.69
C CYS A 301 10.91 -5.09 17.56
N GLN A 302 11.57 -4.79 16.43
CA GLN A 302 12.07 -3.44 16.22
C GLN A 302 10.94 -2.43 16.30
N PHE A 303 9.79 -2.74 15.69
CA PHE A 303 8.68 -1.80 15.75
C PHE A 303 8.00 -1.82 17.11
N GLU A 304 7.88 -3.00 17.74
CA GLU A 304 7.15 -3.11 18.99
C GLU A 304 7.89 -2.42 20.13
N ASP A 305 9.21 -2.58 20.19
CA ASP A 305 9.99 -1.99 21.27
C ASP A 305 9.97 -0.46 21.22
N LEU A 306 9.43 0.15 20.17
CA LEU A 306 9.25 1.59 20.15
C LEU A 306 8.13 2.02 21.08
N ASN A 307 7.26 1.10 21.49
CA ASN A 307 6.22 1.39 22.47
C ASN A 307 6.86 1.58 23.84
N ARG A 308 6.85 2.82 24.34
CA ARG A 308 7.46 3.15 25.62
C ARG A 308 6.48 3.10 26.78
N ARG A 309 5.34 2.45 26.59
CA ARG A 309 4.37 2.23 27.67
C ARG A 309 3.71 0.88 27.42
N LYS A 310 4.54 -0.18 27.44
CA LYS A 310 4.07 -1.49 27.01
C LYS A 310 3.08 -2.09 28.01
N ASP A 311 3.24 -1.81 29.30
CA ASP A 311 2.32 -2.36 30.29
C ASP A 311 0.93 -1.75 30.15
N THR A 312 0.86 -0.42 30.07
CA THR A 312 -0.43 0.25 29.97
C THR A 312 -1.08 0.04 28.60
N LYS A 313 -0.27 -0.13 27.55
CA LYS A 313 -0.77 -0.14 26.18
C LYS A 313 -0.15 -1.30 25.41
N GLU A 314 -0.98 -2.00 24.65
CA GLU A 314 -0.55 -3.14 23.85
C GLU A 314 -0.62 -2.80 22.37
N VAL A 315 0.25 -3.45 21.59
CA VAL A 315 0.29 -3.30 20.15
C VAL A 315 -0.10 -4.63 19.52
N TYR A 316 -1.13 -4.61 18.69
CA TYR A 316 -1.66 -5.81 18.05
C TYR A 316 -1.03 -5.93 16.66
N THR A 317 -0.14 -6.89 16.50
CA THR A 317 0.66 -7.04 15.30
C THR A 317 0.11 -8.17 14.43
N HIS A 318 0.02 -7.92 13.13
CA HIS A 318 -0.45 -8.90 12.17
C HIS A 318 0.44 -8.85 10.94
N PHE A 319 0.85 -10.01 10.45
CA PHE A 319 1.55 -10.12 9.18
C PHE A 319 0.52 -10.32 8.07
N THR A 320 0.59 -9.49 7.04
CA THR A 320 -0.48 -9.41 6.06
C THR A 320 0.06 -9.42 4.64
N CYS A 321 -0.78 -9.88 3.72
CA CYS A 321 -0.60 -9.68 2.29
C CYS A 321 -1.83 -8.90 1.82
N ALA A 322 -1.70 -7.57 1.81
CA ALA A 322 -2.86 -6.70 1.59
C ALA A 322 -3.58 -6.97 0.27
N THR A 323 -2.90 -7.57 -0.71
CA THR A 323 -3.52 -7.88 -1.99
C THR A 323 -4.24 -9.23 -1.99
N ASP A 324 -4.22 -9.95 -0.87
CA ASP A 324 -4.90 -11.24 -0.73
C ASP A 324 -6.18 -10.99 0.07
N THR A 325 -7.33 -11.06 -0.61
CA THR A 325 -8.59 -10.71 0.03
C THR A 325 -8.90 -11.63 1.22
N LYS A 326 -8.55 -12.91 1.11
CA LYS A 326 -8.84 -13.84 2.20
C LYS A 326 -8.04 -13.50 3.45
N ASN A 327 -6.75 -13.25 3.29
CA ASN A 327 -5.91 -12.89 4.43
C ASN A 327 -6.40 -11.59 5.07
N VAL A 328 -6.76 -10.60 4.24
CA VAL A 328 -7.25 -9.34 4.77
C VAL A 328 -8.55 -9.54 5.53
N GLN A 329 -9.44 -10.38 5.01
CA GLN A 329 -10.71 -10.65 5.70
C GLN A 329 -10.44 -11.25 7.07
N PHE A 330 -9.60 -12.29 7.13
CA PHE A 330 -9.26 -12.92 8.40
C PHE A 330 -8.67 -11.90 9.38
N VAL A 331 -7.66 -11.15 8.93
CA VAL A 331 -6.97 -10.22 9.81
C VAL A 331 -7.92 -9.15 10.32
N PHE A 332 -8.79 -8.64 9.44
CA PHE A 332 -9.70 -7.58 9.85
C PHE A 332 -10.77 -8.11 10.80
N ASP A 333 -11.16 -9.37 10.64
CA ASP A 333 -12.04 -10.00 11.63
C ASP A 333 -11.40 -9.98 13.01
N ALA A 334 -10.13 -10.40 13.09
CA ALA A 334 -9.43 -10.35 14.37
C ALA A 334 -9.33 -8.91 14.89
N VAL A 335 -9.03 -7.97 14.01
CA VAL A 335 -8.91 -6.57 14.39
C VAL A 335 -10.22 -6.07 14.99
N THR A 336 -11.34 -6.43 14.37
CA THR A 336 -12.64 -5.99 14.87
C THR A 336 -12.94 -6.63 16.22
N ASP A 337 -12.59 -7.91 16.39
CA ASP A 337 -12.74 -8.53 17.70
C ASP A 337 -11.98 -7.73 18.76
N VAL A 338 -10.75 -7.32 18.44
CA VAL A 338 -9.97 -6.53 19.39
C VAL A 338 -10.66 -5.21 19.69
N ILE A 339 -11.15 -4.53 18.64
CA ILE A 339 -11.81 -3.24 18.84
C ILE A 339 -13.01 -3.40 19.76
N ILE A 340 -13.80 -4.46 19.57
CA ILE A 340 -14.95 -4.69 20.42
C ILE A 340 -14.51 -4.95 21.86
N LYS A 341 -13.47 -5.77 22.03
CA LYS A 341 -13.00 -6.12 23.37
C LYS A 341 -12.67 -4.88 24.17
N ASN A 342 -12.02 -3.90 23.55
CA ASN A 342 -11.60 -2.69 24.24
C ASN A 342 -12.68 -1.61 24.27
N ASN A 343 -13.91 -1.95 23.93
CA ASN A 343 -15.02 -1.00 23.95
C ASN A 343 -16.20 -1.56 24.75
N SER B 1 3.08 26.96 9.16
CA SER B 1 2.20 26.84 7.96
C SER B 1 1.69 25.40 7.84
N ARG B 2 1.38 24.97 6.62
CA ARG B 2 0.95 23.59 6.40
C ARG B 2 2.06 22.62 6.81
N VAL B 3 1.65 21.45 7.28
CA VAL B 3 2.58 20.52 7.91
C VAL B 3 2.03 19.10 7.78
N THR B 4 2.95 18.14 7.66
CA THR B 4 2.58 16.73 7.68
C THR B 4 2.10 16.34 9.07
N TRP B 5 1.38 15.21 9.15
CA TRP B 5 0.85 14.81 10.45
C TRP B 5 1.97 14.43 11.42
N TYR B 6 3.09 13.90 10.91
CA TYR B 6 4.19 13.54 11.79
C TYR B 6 4.77 14.77 12.47
N ASP B 7 5.11 15.79 11.68
CA ASP B 7 5.64 17.02 12.27
C ASP B 7 4.63 17.67 13.19
N PHE B 8 3.33 17.58 12.85
CA PHE B 8 2.30 18.10 13.72
C PHE B 8 2.32 17.41 15.08
N LEU B 9 2.36 16.07 15.08
CA LEU B 9 2.39 15.33 16.34
C LEU B 9 3.65 15.67 17.14
N MET B 10 4.79 15.78 16.46
CA MET B 10 6.05 16.03 17.15
C MET B 10 6.22 17.49 17.58
N GLU B 11 5.38 18.40 17.09
CA GLU B 11 5.47 19.80 17.52
C GLU B 11 5.37 19.92 19.04
N ASP B 12 4.61 19.04 19.68
CA ASP B 12 4.46 19.06 21.13
C ASP B 12 5.68 18.44 21.80
#